data_2OY0
#
_entry.id   2OY0
#
_cell.length_a   39.229
_cell.length_b   66.009
_cell.length_c   78.761
_cell.angle_alpha   112.46
_cell.angle_beta   102.90
_cell.angle_gamma   89.80
#
_symmetry.space_group_name_H-M   'P 1'
#
loop_
_entity.id
_entity.type
_entity.pdbx_description
1 polymer Methyltransferase
2 non-polymer S-ADENOSYL-L-HOMOCYSTEINE
3 water water
#
_entity_poly.entity_id   1
_entity_poly.type   'polypeptide(L)'
_entity_poly.pdbx_seq_one_letter_code
;RTLGEVWKERLNQMTKEEFTRYRKEAIIEVDRSAAKHARKEGNVTGGHPVSRGTAKLRWLVERRFLEPVGKVIDLGCGRG
GWCYYMATQKRVQEVRGYTKGGPGHEEPQLVQSYGWNIVTMKSGVDVFYRPSECCDTLLCDIGESSSSAEVEEHRTIRVL
EMVEDWLHRGPREFCVKVLCPYMPKVIEKMELLQRRYGGGLVRNPLSRNSTHEMYWVSRASGNVVHSVNMTSQVLLGRME
KRTWKGPQYEEDVNLGSGTRAV
;
_entity_poly.pdbx_strand_id   A,B
#
# COMPACT_ATOMS: atom_id res chain seq x y z
N ARG A 1 -19.21 51.45 -9.09
CA ARG A 1 -19.25 50.27 -8.19
C ARG A 1 -19.47 48.99 -8.99
N THR A 2 -18.63 47.99 -8.75
CA THR A 2 -18.75 46.72 -9.44
C THR A 2 -19.86 45.93 -8.73
N LEU A 3 -20.51 45.02 -9.46
CA LEU A 3 -21.58 44.23 -8.87
C LEU A 3 -21.09 43.40 -7.69
N GLY A 4 -19.79 43.10 -7.69
CA GLY A 4 -19.22 42.35 -6.60
C GLY A 4 -19.21 43.21 -5.36
N GLU A 5 -19.02 44.51 -5.56
CA GLU A 5 -19.01 45.44 -4.44
C GLU A 5 -20.37 45.62 -3.77
N VAL A 6 -21.45 45.71 -4.54
CA VAL A 6 -22.75 45.88 -3.91
C VAL A 6 -23.02 44.61 -3.11
N TRP A 7 -22.49 43.52 -3.63
CA TRP A 7 -22.66 42.24 -2.98
C TRP A 7 -22.03 42.22 -1.58
N LYS A 8 -20.96 42.99 -1.40
CA LYS A 8 -20.28 43.06 -0.11
C LYS A 8 -20.98 44.03 0.81
N GLU A 9 -21.42 45.15 0.26
CA GLU A 9 -22.13 46.15 1.03
C GLU A 9 -23.36 45.48 1.62
N ARG A 10 -24.07 44.73 0.79
CA ARG A 10 -25.28 44.04 1.24
C ARG A 10 -24.98 43.01 2.31
N LEU A 11 -24.11 42.07 1.97
CA LEU A 11 -23.70 41.03 2.91
C LEU A 11 -23.51 41.58 4.33
N ASN A 12 -22.56 42.51 4.47
CA ASN A 12 -22.22 43.12 5.74
C ASN A 12 -23.33 43.82 6.54
N GLN A 13 -24.48 44.05 5.91
CA GLN A 13 -25.59 44.70 6.63
C GLN A 13 -26.61 43.64 7.10
N MET A 14 -26.26 42.37 6.92
CA MET A 14 -27.17 41.33 7.33
C MET A 14 -27.00 41.05 8.82
N THR A 15 -27.83 40.15 9.33
CA THR A 15 -27.78 39.75 10.73
C THR A 15 -27.20 38.36 10.79
N LYS A 16 -26.86 37.93 12.00
CA LYS A 16 -26.28 36.62 12.25
C LYS A 16 -27.18 35.55 11.64
N GLU A 17 -28.44 35.55 12.06
CA GLU A 17 -29.42 34.58 11.59
C GLU A 17 -29.68 34.63 10.07
N GLU A 18 -29.75 35.82 9.51
CA GLU A 18 -29.96 35.95 8.07
C GLU A 18 -28.65 35.66 7.36
N PHE A 19 -27.53 35.98 8.00
CA PHE A 19 -26.22 35.73 7.43
C PHE A 19 -26.00 34.23 7.29
N THR A 20 -26.10 33.53 8.40
CA THR A 20 -25.92 32.08 8.45
C THR A 20 -26.92 31.35 7.53
N ARG A 21 -28.01 32.03 7.18
CA ARG A 21 -29.00 31.43 6.30
C ARG A 21 -28.48 31.64 4.88
N TYR A 22 -28.26 32.89 4.53
CA TYR A 22 -27.78 33.23 3.20
C TYR A 22 -26.62 32.40 2.64
N ARG A 23 -25.53 32.29 3.39
CA ARG A 23 -24.35 31.57 2.90
C ARG A 23 -24.56 30.16 2.37
N LYS A 24 -25.29 29.32 3.09
CA LYS A 24 -25.51 27.95 2.60
C LYS A 24 -26.74 27.72 1.73
N GLU A 25 -27.37 28.79 1.27
CA GLU A 25 -28.57 28.65 0.46
C GLU A 25 -28.27 28.21 -0.96
N ALA A 26 -29.04 27.24 -1.42
CA ALA A 26 -28.92 26.68 -2.77
C ALA A 26 -27.54 26.17 -3.20
N ILE A 27 -26.58 26.11 -2.28
CA ILE A 27 -25.26 25.61 -2.64
C ILE A 27 -25.24 24.10 -2.47
N ILE A 28 -24.21 23.45 -2.99
CA ILE A 28 -24.10 22.01 -2.85
C ILE A 28 -23.16 21.72 -1.69
N GLU A 29 -23.56 20.79 -0.82
CA GLU A 29 -22.78 20.45 0.36
C GLU A 29 -22.63 18.93 0.55
N VAL A 30 -21.46 18.50 1.03
CA VAL A 30 -21.19 17.09 1.27
C VAL A 30 -21.52 16.72 2.71
N ASP A 31 -21.80 15.45 2.96
CA ASP A 31 -22.15 14.98 4.30
C ASP A 31 -20.95 14.53 5.13
N ARG A 32 -20.36 15.45 5.89
CA ARG A 32 -19.18 15.13 6.70
C ARG A 32 -19.43 14.18 7.89
N SER A 33 -20.69 14.00 8.26
CA SER A 33 -21.04 13.15 9.40
C SER A 33 -20.18 11.91 9.61
N ALA A 34 -20.07 11.08 8.59
CA ALA A 34 -19.30 9.84 8.66
C ALA A 34 -17.85 10.07 9.04
N ALA A 35 -17.18 10.96 8.31
CA ALA A 35 -15.78 11.25 8.57
C ALA A 35 -15.58 11.75 9.99
N LYS A 36 -16.49 12.60 10.46
CA LYS A 36 -16.39 13.17 11.81
C LYS A 36 -16.23 12.10 12.87
N HIS A 37 -17.11 11.10 12.83
CA HIS A 37 -17.10 10.01 13.79
C HIS A 37 -16.13 8.89 13.48
N ALA A 38 -15.36 9.02 12.41
CA ALA A 38 -14.36 8.02 12.03
C ALA A 38 -13.05 8.44 12.66
N ARG A 39 -12.94 9.76 12.83
CA ARG A 39 -11.80 10.44 13.43
C ARG A 39 -11.76 10.08 14.90
N LYS A 40 -12.92 10.06 15.52
CA LYS A 40 -13.03 9.74 16.94
C LYS A 40 -12.54 8.33 17.24
N GLU A 41 -13.05 7.35 16.49
CA GLU A 41 -12.65 5.97 16.69
C GLU A 41 -11.26 5.72 16.11
N GLY A 42 -10.58 6.80 15.73
CA GLY A 42 -9.24 6.65 15.16
C GLY A 42 -9.20 5.73 13.96
N ASN A 43 -10.17 5.90 13.06
CA ASN A 43 -10.28 5.10 11.86
C ASN A 43 -9.61 5.85 10.73
N VAL A 44 -8.33 5.58 10.49
CA VAL A 44 -7.57 6.26 9.44
C VAL A 44 -7.48 5.44 8.16
N THR A 45 -8.34 4.44 8.05
CA THR A 45 -8.38 3.57 6.89
C THR A 45 -9.79 3.43 6.32
N GLY A 46 -10.66 4.36 6.69
CA GLY A 46 -12.03 4.31 6.20
C GLY A 46 -12.19 4.84 4.78
N GLY A 47 -11.19 5.60 4.35
CA GLY A 47 -11.24 6.18 3.02
C GLY A 47 -11.89 7.54 3.08
N HIS A 48 -12.09 8.02 4.31
CA HIS A 48 -12.71 9.32 4.53
C HIS A 48 -11.78 10.51 4.33
N PRO A 49 -12.25 11.51 3.57
CA PRO A 49 -11.41 12.69 3.34
C PRO A 49 -11.28 13.48 4.64
N VAL A 50 -10.18 14.22 4.79
CA VAL A 50 -9.93 14.99 6.00
C VAL A 50 -10.63 16.34 6.11
N SER A 51 -11.30 16.78 5.04
CA SER A 51 -11.99 18.06 5.06
C SER A 51 -12.98 18.18 3.90
N ARG A 52 -13.66 19.32 3.83
CA ARG A 52 -14.61 19.55 2.76
C ARG A 52 -13.83 19.89 1.50
N GLY A 53 -12.52 20.09 1.68
CA GLY A 53 -11.66 20.43 0.57
C GLY A 53 -11.69 19.46 -0.59
N THR A 54 -11.10 18.29 -0.40
CA THR A 54 -11.03 17.25 -1.44
C THR A 54 -12.26 17.24 -2.35
N ALA A 55 -13.45 17.28 -1.74
CA ALA A 55 -14.68 17.28 -2.50
C ALA A 55 -14.72 18.44 -3.49
N LYS A 56 -14.29 19.61 -3.03
CA LYS A 56 -14.26 20.79 -3.90
C LYS A 56 -13.31 20.57 -5.08
N LEU A 57 -12.13 20.03 -4.79
CA LEU A 57 -11.14 19.80 -5.81
C LEU A 57 -11.59 18.74 -6.81
N ARG A 58 -12.32 17.72 -6.33
CA ARG A 58 -12.81 16.68 -7.20
C ARG A 58 -13.74 17.30 -8.24
N TRP A 59 -14.78 18.00 -7.78
CA TRP A 59 -15.75 18.64 -8.66
C TRP A 59 -15.06 19.33 -9.84
N LEU A 60 -13.87 19.86 -9.57
CA LEU A 60 -13.07 20.55 -10.57
C LEU A 60 -12.36 19.62 -11.54
N VAL A 61 -11.59 18.67 -11.01
CA VAL A 61 -10.87 17.75 -11.89
C VAL A 61 -11.86 16.92 -12.70
N GLU A 62 -12.98 16.57 -12.07
CA GLU A 62 -14.04 15.76 -12.70
C GLU A 62 -14.75 16.42 -13.88
N ARG A 63 -14.59 17.72 -14.04
CA ARG A 63 -15.19 18.39 -15.17
C ARG A 63 -14.08 18.66 -16.14
N ARG A 64 -12.88 18.24 -15.75
CA ARG A 64 -11.70 18.39 -16.59
C ARG A 64 -11.07 19.78 -16.65
N PHE A 65 -11.36 20.61 -15.65
CA PHE A 65 -10.81 21.97 -15.60
C PHE A 65 -9.29 21.93 -15.43
N LEU A 66 -8.77 20.73 -15.14
CA LEU A 66 -7.35 20.48 -14.98
C LEU A 66 -7.10 18.98 -14.97
N GLU A 67 -5.83 18.59 -15.07
CA GLU A 67 -5.47 17.17 -15.08
C GLU A 67 -4.13 16.94 -14.40
N PRO A 68 -4.15 16.81 -13.06
CA PRO A 68 -2.98 16.58 -12.21
C PRO A 68 -1.98 15.51 -12.68
N VAL A 69 -0.81 15.96 -13.11
CA VAL A 69 0.23 15.06 -13.59
C VAL A 69 1.58 15.26 -12.90
N GLY A 70 2.28 14.14 -12.69
CA GLY A 70 3.59 14.16 -12.08
C GLY A 70 3.67 14.69 -10.66
N LYS A 71 4.70 15.47 -10.40
CA LYS A 71 4.90 16.07 -9.10
C LYS A 71 3.85 17.16 -8.87
N VAL A 72 3.14 17.05 -7.74
CA VAL A 72 2.09 17.98 -7.34
C VAL A 72 2.53 18.77 -6.13
N ILE A 73 2.45 20.10 -6.19
CA ILE A 73 2.81 20.98 -5.07
C ILE A 73 1.57 21.75 -4.64
N ASP A 74 1.26 21.72 -3.35
CA ASP A 74 0.08 22.39 -2.82
C ASP A 74 0.43 23.52 -1.85
N LEU A 75 -0.06 24.73 -2.10
CA LEU A 75 0.21 25.88 -1.23
C LEU A 75 -0.91 26.16 -0.23
N GLY A 76 -0.59 26.09 1.06
CA GLY A 76 -1.58 26.31 2.09
C GLY A 76 -2.54 25.14 2.05
N CYS A 77 -2.01 23.94 2.29
CA CYS A 77 -2.79 22.73 2.24
C CYS A 77 -3.65 22.37 3.47
N GLY A 78 -3.51 23.15 4.55
CA GLY A 78 -4.28 22.91 5.76
C GLY A 78 -4.26 21.46 6.20
N ARG A 79 -5.45 20.86 6.32
CA ARG A 79 -5.54 19.46 6.72
C ARG A 79 -4.94 18.55 5.65
N GLY A 80 -5.26 18.83 4.38
CA GLY A 80 -4.72 18.07 3.28
C GLY A 80 -5.73 17.43 2.35
N GLY A 81 -6.87 18.09 2.17
CA GLY A 81 -7.92 17.55 1.31
C GLY A 81 -7.59 17.56 -0.18
N TRP A 82 -6.71 18.47 -0.60
CA TRP A 82 -6.29 18.58 -2.00
C TRP A 82 -5.14 17.61 -2.26
N CYS A 83 -4.37 17.32 -1.22
CA CYS A 83 -3.23 16.43 -1.32
C CYS A 83 -3.66 14.97 -1.32
N TYR A 84 -4.45 14.59 -0.32
CA TYR A 84 -4.91 13.22 -0.25
C TYR A 84 -5.69 12.85 -1.49
N TYR A 85 -6.45 13.81 -2.01
CA TYR A 85 -7.23 13.55 -3.21
C TYR A 85 -6.31 13.31 -4.42
N MET A 86 -5.35 14.20 -4.64
CA MET A 86 -4.43 14.07 -5.77
C MET A 86 -3.70 12.72 -5.75
N ALA A 87 -3.33 12.27 -4.57
CA ALA A 87 -2.63 11.00 -4.45
C ALA A 87 -3.46 9.83 -5.00
N THR A 88 -4.70 10.11 -5.38
CA THR A 88 -5.55 9.05 -5.93
C THR A 88 -5.72 9.26 -7.44
N GLN A 89 -4.88 10.11 -8.01
CA GLN A 89 -4.95 10.38 -9.44
C GLN A 89 -3.94 9.60 -10.28
N LYS A 90 -4.41 9.10 -11.41
CA LYS A 90 -3.61 8.32 -12.34
C LYS A 90 -2.19 8.81 -12.55
N ARG A 91 -2.08 9.89 -13.31
CA ARG A 91 -0.81 10.52 -13.68
C ARG A 91 -0.02 11.31 -12.65
N VAL A 92 -0.37 11.21 -11.37
CA VAL A 92 0.36 11.94 -10.33
C VAL A 92 1.28 10.95 -9.58
N GLN A 93 2.58 11.21 -9.58
CA GLN A 93 3.51 10.31 -8.89
C GLN A 93 4.26 10.91 -7.69
N GLU A 94 3.67 11.93 -7.09
CA GLU A 94 4.24 12.57 -5.90
C GLU A 94 3.47 13.84 -5.57
N VAL A 95 3.07 13.96 -4.30
CA VAL A 95 2.33 15.12 -3.83
C VAL A 95 3.11 15.77 -2.70
N ARG A 96 3.22 17.08 -2.72
CA ARG A 96 3.95 17.79 -1.69
C ARG A 96 3.13 19.03 -1.29
N GLY A 97 2.92 19.20 0.01
CA GLY A 97 2.15 20.34 0.48
C GLY A 97 2.89 21.17 1.51
N TYR A 98 2.54 22.46 1.59
CA TYR A 98 3.16 23.36 2.55
C TYR A 98 2.10 24.22 3.23
N THR A 99 2.18 24.34 4.56
CA THR A 99 1.20 25.15 5.28
C THR A 99 1.73 25.93 6.48
N LYS A 100 0.98 26.96 6.84
CA LYS A 100 1.29 27.84 7.94
C LYS A 100 1.56 27.05 9.19
N GLY A 101 0.50 26.44 9.71
CA GLY A 101 0.60 25.68 10.94
C GLY A 101 0.59 26.66 12.10
N GLY A 102 0.69 26.15 13.32
CA GLY A 102 0.71 27.03 14.47
C GLY A 102 -0.66 27.46 14.95
N PRO A 103 -0.76 28.04 16.15
CA PRO A 103 -2.02 28.51 16.75
C PRO A 103 -2.96 29.23 15.78
N GLY A 104 -4.21 28.79 15.74
CA GLY A 104 -5.20 29.38 14.86
C GLY A 104 -5.35 28.71 13.50
N HIS A 105 -4.24 28.24 12.93
CA HIS A 105 -4.27 27.58 11.62
C HIS A 105 -4.17 26.06 11.77
N GLU A 106 -4.72 25.34 10.80
CA GLU A 106 -4.73 23.88 10.79
C GLU A 106 -3.35 23.22 10.64
N GLU A 107 -3.28 21.95 11.04
CA GLU A 107 -2.07 21.15 10.95
C GLU A 107 -2.38 19.95 10.06
N PRO A 108 -1.50 19.64 9.09
CA PRO A 108 -1.83 18.50 8.26
C PRO A 108 -2.18 17.30 9.12
N GLN A 109 -3.20 16.57 8.69
CA GLN A 109 -3.71 15.39 9.37
C GLN A 109 -3.16 14.15 8.69
N LEU A 110 -2.51 13.26 9.44
CA LEU A 110 -1.93 12.05 8.86
C LEU A 110 -2.88 10.84 8.89
N VAL A 111 -3.44 10.51 7.73
CA VAL A 111 -4.34 9.38 7.62
C VAL A 111 -3.78 8.40 6.59
N GLN A 112 -4.49 7.31 6.35
CA GLN A 112 -4.03 6.32 5.40
C GLN A 112 -5.02 5.96 4.30
N SER A 113 -5.46 6.98 3.56
CA SER A 113 -6.38 6.75 2.46
C SER A 113 -5.52 6.29 1.28
N TYR A 114 -6.17 5.90 0.18
CA TYR A 114 -5.44 5.40 -0.99
C TYR A 114 -4.31 6.30 -1.50
N GLY A 115 -3.06 5.85 -1.32
CA GLY A 115 -1.93 6.61 -1.81
C GLY A 115 -1.23 7.57 -0.85
N TRP A 116 -1.65 7.59 0.41
CA TRP A 116 -1.02 8.47 1.39
C TRP A 116 0.52 8.41 1.33
N ASN A 117 1.06 7.20 1.15
CA ASN A 117 2.49 6.98 1.12
C ASN A 117 3.26 7.94 0.20
N ILE A 118 2.60 8.36 -0.86
CA ILE A 118 3.21 9.24 -1.86
C ILE A 118 3.15 10.72 -1.51
N VAL A 119 2.46 11.08 -0.44
CA VAL A 119 2.37 12.50 -0.09
C VAL A 119 3.17 12.88 1.15
N THR A 120 3.81 14.04 1.06
CA THR A 120 4.63 14.61 2.13
C THR A 120 4.13 16.00 2.49
N MET A 121 3.63 16.19 3.71
CA MET A 121 3.14 17.51 4.11
C MET A 121 3.98 18.14 5.19
N LYS A 122 4.50 19.34 4.92
CA LYS A 122 5.32 20.06 5.89
C LYS A 122 4.63 21.32 6.40
N SER A 123 4.43 21.37 7.71
CA SER A 123 3.79 22.49 8.37
C SER A 123 4.81 23.53 8.87
N GLY A 124 4.29 24.62 9.42
CA GLY A 124 5.14 25.68 9.94
C GLY A 124 5.87 26.45 8.85
N VAL A 125 5.32 26.43 7.64
CA VAL A 125 5.89 27.09 6.44
C VAL A 125 5.02 28.22 5.87
N ASP A 126 5.40 29.47 6.10
CA ASP A 126 4.59 30.57 5.55
C ASP A 126 5.02 30.70 4.11
N VAL A 127 4.12 30.37 3.21
CA VAL A 127 4.40 30.41 1.80
C VAL A 127 4.82 31.77 1.21
N PHE A 128 4.54 32.86 1.90
CA PHE A 128 4.90 34.13 1.30
C PHE A 128 6.37 34.47 1.44
N TYR A 129 7.14 33.55 2.03
CA TYR A 129 8.56 33.75 2.26
C TYR A 129 9.36 32.61 1.66
N ARG A 130 8.66 31.55 1.28
CA ARG A 130 9.29 30.36 0.71
C ARG A 130 9.59 30.45 -0.78
N PRO A 131 10.88 30.28 -1.14
CA PRO A 131 11.31 30.33 -2.55
C PRO A 131 10.78 29.13 -3.33
N SER A 132 10.45 29.40 -4.59
CA SER A 132 9.86 28.43 -5.51
C SER A 132 10.58 27.13 -5.85
N GLU A 133 9.76 26.14 -6.21
CA GLU A 133 10.22 24.81 -6.59
C GLU A 133 9.66 24.44 -7.96
N CYS A 134 9.98 23.23 -8.41
CA CYS A 134 9.55 22.73 -9.72
C CYS A 134 8.40 21.74 -9.54
N CYS A 135 7.33 21.93 -10.29
CA CYS A 135 6.20 21.03 -10.19
C CYS A 135 5.45 21.00 -11.50
N ASP A 136 4.81 19.88 -11.78
CA ASP A 136 4.07 19.73 -13.02
C ASP A 136 2.69 20.36 -12.89
N THR A 137 2.13 20.30 -11.70
CA THR A 137 0.83 20.88 -11.48
C THR A 137 0.84 21.59 -10.12
N LEU A 138 0.58 22.89 -10.12
CA LEU A 138 0.58 23.60 -8.87
C LEU A 138 -0.83 23.93 -8.41
N LEU A 139 -0.98 24.00 -7.09
CA LEU A 139 -2.26 24.29 -6.47
C LEU A 139 -2.07 25.30 -5.35
N CYS A 140 -3.11 26.08 -5.08
CA CYS A 140 -3.03 27.06 -4.01
C CYS A 140 -4.42 27.42 -3.58
N ASP A 141 -4.69 27.31 -2.29
CA ASP A 141 -6.01 27.61 -1.73
C ASP A 141 -5.92 28.63 -0.58
N ILE A 142 -5.09 29.66 -0.75
CA ILE A 142 -4.91 30.69 0.26
C ILE A 142 -5.76 31.91 -0.05
N GLY A 143 -6.21 32.58 1.01
CA GLY A 143 -7.04 33.78 0.89
C GLY A 143 -7.74 34.06 2.21
N GLU A 144 -7.09 34.85 3.05
N GLU A 144 -7.09 34.84 3.07
CA GLU A 144 -7.62 35.21 4.37
CA GLU A 144 -7.65 35.17 4.38
C GLU A 144 -8.69 36.31 4.31
C GLU A 144 -8.69 36.30 4.30
N SER A 145 -9.95 35.91 4.47
CA SER A 145 -11.08 36.82 4.41
C SER A 145 -11.15 38.02 5.36
N SER A 146 -11.84 39.07 4.93
N SER A 146 -11.83 39.06 4.89
CA SER A 146 -12.01 40.28 5.73
CA SER A 146 -11.99 40.30 5.64
C SER A 146 -13.29 41.01 5.38
C SER A 146 -13.30 41.03 5.36
N SER A 147 -13.76 41.81 6.33
CA SER A 147 -15.00 42.59 6.16
C SER A 147 -14.80 43.74 5.17
N SER A 148 -13.54 44.04 4.87
CA SER A 148 -13.20 45.11 3.92
C SER A 148 -12.82 44.52 2.56
N ALA A 149 -13.29 45.18 1.49
CA ALA A 149 -12.98 44.73 0.14
C ALA A 149 -11.63 45.31 -0.28
N GLU A 150 -11.31 46.51 0.18
CA GLU A 150 -10.02 47.06 -0.18
C GLU A 150 -8.98 46.06 0.30
N VAL A 151 -9.21 45.52 1.49
CA VAL A 151 -8.32 44.55 2.11
C VAL A 151 -8.26 43.22 1.37
N GLU A 152 -9.39 42.78 0.83
CA GLU A 152 -9.39 41.52 0.10
C GLU A 152 -8.60 41.74 -1.19
N GLU A 153 -8.87 42.85 -1.88
CA GLU A 153 -8.17 43.16 -3.11
C GLU A 153 -6.64 43.10 -2.95
N HIS A 154 -6.15 43.46 -1.77
CA HIS A 154 -4.72 43.43 -1.49
C HIS A 154 -4.22 42.03 -1.23
N ARG A 155 -4.75 41.41 -0.18
CA ARG A 155 -4.36 40.05 0.19
C ARG A 155 -4.37 39.14 -1.02
N THR A 156 -5.15 39.52 -2.04
CA THR A 156 -5.26 38.75 -3.26
C THR A 156 -4.12 39.08 -4.20
N ILE A 157 -3.96 40.36 -4.51
CA ILE A 157 -2.88 40.75 -5.40
C ILE A 157 -1.57 40.19 -4.89
N ARG A 158 -1.47 40.04 -3.58
CA ARG A 158 -0.25 39.51 -2.96
C ARG A 158 -0.07 38.06 -3.37
N VAL A 159 -1.14 37.28 -3.18
CA VAL A 159 -1.17 35.87 -3.52
C VAL A 159 -0.89 35.67 -4.99
N LEU A 160 -1.55 36.47 -5.81
CA LEU A 160 -1.35 36.40 -7.24
C LEU A 160 0.12 36.61 -7.59
N GLU A 161 0.80 37.50 -6.87
CA GLU A 161 2.21 37.76 -7.15
C GLU A 161 3.05 36.61 -6.61
N MET A 162 2.53 35.96 -5.57
CA MET A 162 3.21 34.85 -4.94
C MET A 162 3.12 33.65 -5.87
N VAL A 163 2.01 33.58 -6.61
CA VAL A 163 1.78 32.47 -7.53
C VAL A 163 2.54 32.61 -8.85
N GLU A 164 2.40 33.74 -9.52
CA GLU A 164 3.08 33.94 -10.79
C GLU A 164 4.56 33.57 -10.76
N ASP A 165 5.15 33.58 -9.57
CA ASP A 165 6.55 33.27 -9.46
C ASP A 165 6.77 31.77 -9.45
N TRP A 166 5.81 31.05 -8.90
CA TRP A 166 5.91 29.61 -8.87
C TRP A 166 5.53 29.09 -10.24
N LEU A 167 4.93 29.95 -11.04
CA LEU A 167 4.51 29.55 -12.38
C LEU A 167 5.63 29.53 -13.42
N HIS A 168 6.36 28.42 -13.42
N HIS A 168 6.38 28.43 -13.42
CA HIS A 168 7.44 28.20 -14.36
CA HIS A 168 7.46 28.21 -14.37
C HIS A 168 7.49 26.70 -14.60
C HIS A 168 7.49 26.70 -14.63
N ARG A 169 6.31 26.18 -14.97
CA ARG A 169 6.05 24.77 -15.26
C ARG A 169 6.38 24.34 -16.71
N GLY A 170 5.47 24.74 -17.60
CA GLY A 170 5.53 24.44 -19.02
C GLY A 170 4.05 24.45 -19.37
N PRO A 171 3.59 23.89 -20.52
CA PRO A 171 2.13 23.96 -20.71
C PRO A 171 1.50 23.07 -19.62
N ARG A 172 1.67 23.49 -18.37
CA ARG A 172 1.22 22.77 -17.18
C ARG A 172 -0.09 23.07 -16.49
N GLU A 173 -0.33 22.27 -15.46
CA GLU A 173 -1.53 22.29 -14.64
C GLU A 173 -1.49 23.14 -13.38
N PHE A 174 -2.63 23.77 -13.12
CA PHE A 174 -2.79 24.60 -11.93
C PHE A 174 -4.24 24.95 -11.64
N CYS A 175 -4.51 25.14 -10.36
CA CYS A 175 -5.81 25.56 -9.85
C CYS A 175 -5.46 26.50 -8.70
N VAL A 176 -5.94 27.73 -8.74
CA VAL A 176 -5.61 28.66 -7.69
C VAL A 176 -6.80 29.47 -7.23
N LYS A 177 -7.03 29.48 -5.92
CA LYS A 177 -8.14 30.23 -5.34
C LYS A 177 -7.97 31.75 -5.39
N VAL A 178 -8.95 32.47 -5.91
CA VAL A 178 -8.85 33.93 -5.99
C VAL A 178 -9.82 34.66 -5.05
N LEU A 179 -9.42 34.82 -3.79
CA LEU A 179 -10.25 35.47 -2.77
C LEU A 179 -11.18 36.58 -3.26
N CYS A 180 -10.62 37.66 -3.81
CA CYS A 180 -11.44 38.76 -4.30
C CYS A 180 -11.17 39.04 -5.78
N PRO A 181 -12.00 38.46 -6.66
CA PRO A 181 -11.81 38.67 -8.09
C PRO A 181 -12.57 39.87 -8.71
N TYR A 182 -13.38 40.55 -7.92
CA TYR A 182 -14.15 41.68 -8.45
C TYR A 182 -13.55 43.07 -8.30
N MET A 183 -12.52 43.24 -7.49
CA MET A 183 -11.90 44.57 -7.35
C MET A 183 -10.91 44.77 -8.49
N PRO A 184 -11.03 45.90 -9.21
CA PRO A 184 -10.21 46.32 -10.36
C PRO A 184 -8.75 45.87 -10.41
N LYS A 185 -8.07 45.90 -9.26
CA LYS A 185 -6.68 45.48 -9.18
C LYS A 185 -6.55 43.99 -9.51
N VAL A 186 -7.46 43.18 -8.99
CA VAL A 186 -7.42 41.76 -9.25
C VAL A 186 -7.85 41.47 -10.70
N ILE A 187 -8.76 42.30 -11.23
CA ILE A 187 -9.22 42.12 -12.62
C ILE A 187 -8.16 42.55 -13.63
N GLU A 188 -7.34 43.54 -13.26
CA GLU A 188 -6.30 43.98 -14.18
C GLU A 188 -5.17 42.93 -14.14
N LYS A 189 -4.93 42.39 -12.95
CA LYS A 189 -3.89 41.38 -12.74
C LYS A 189 -4.29 40.11 -13.47
N MET A 190 -5.52 39.65 -13.23
CA MET A 190 -6.00 38.45 -13.92
C MET A 190 -5.92 38.61 -15.44
N GLU A 191 -6.55 39.63 -15.97
CA GLU A 191 -6.53 39.87 -17.41
C GLU A 191 -5.14 39.58 -17.95
N LEU A 192 -4.15 40.19 -17.31
CA LEU A 192 -2.75 40.04 -17.70
C LEU A 192 -2.22 38.64 -17.41
N LEU A 193 -2.54 38.12 -16.24
CA LEU A 193 -2.06 36.78 -15.89
C LEU A 193 -2.61 35.79 -16.90
N GLN A 194 -3.81 36.06 -17.41
CA GLN A 194 -4.44 35.18 -18.39
C GLN A 194 -3.64 35.18 -19.68
N ARG A 195 -3.28 36.36 -20.15
CA ARG A 195 -2.52 36.50 -21.39
C ARG A 195 -1.21 35.71 -21.41
N ARG A 196 -0.66 35.45 -20.23
CA ARG A 196 0.59 34.73 -20.13
C ARG A 196 0.43 33.21 -19.89
N TYR A 197 -0.42 32.84 -18.95
CA TYR A 197 -0.59 31.45 -18.62
C TYR A 197 -1.93 30.81 -19.00
N GLY A 198 -2.75 31.52 -19.76
CA GLY A 198 -4.04 30.95 -20.13
C GLY A 198 -4.88 30.61 -18.91
N GLY A 199 -5.84 29.71 -19.08
CA GLY A 199 -6.71 29.33 -17.98
C GLY A 199 -7.90 30.25 -17.82
N GLY A 200 -8.63 30.13 -16.72
CA GLY A 200 -9.79 30.98 -16.51
C GLY A 200 -10.40 30.92 -15.13
N LEU A 201 -11.26 31.88 -14.81
CA LEU A 201 -11.92 31.92 -13.51
C LEU A 201 -13.15 31.00 -13.47
N VAL A 202 -13.33 30.32 -12.36
CA VAL A 202 -14.45 29.39 -12.22
C VAL A 202 -15.07 29.45 -10.82
N ARG A 203 -16.34 29.80 -10.74
CA ARG A 203 -17.02 29.82 -9.45
C ARG A 203 -17.36 28.37 -9.07
N ASN A 204 -16.84 27.88 -7.94
CA ASN A 204 -17.11 26.51 -7.50
C ASN A 204 -18.39 26.47 -6.67
N PRO A 205 -19.41 25.75 -7.15
CA PRO A 205 -20.70 25.62 -6.46
C PRO A 205 -20.64 25.01 -5.08
N LEU A 206 -19.44 24.64 -4.63
CA LEU A 206 -19.27 24.06 -3.28
C LEU A 206 -18.93 25.19 -2.30
N SER A 207 -18.63 26.38 -2.85
CA SER A 207 -18.32 27.52 -2.01
C SER A 207 -19.62 27.97 -1.38
N ARG A 208 -19.52 28.74 -0.30
CA ARG A 208 -20.71 29.26 0.37
C ARG A 208 -21.00 30.64 -0.19
N ASN A 209 -22.25 31.06 -0.19
CA ASN A 209 -22.59 32.38 -0.73
C ASN A 209 -21.88 33.53 -0.01
N SER A 210 -21.30 33.26 1.18
CA SER A 210 -20.62 34.30 1.95
C SER A 210 -19.20 34.60 1.46
N THR A 211 -18.90 34.18 0.24
CA THR A 211 -17.58 34.40 -0.34
C THR A 211 -17.70 34.54 -1.86
N HIS A 212 -16.98 35.49 -2.45
CA HIS A 212 -17.04 35.73 -3.89
C HIS A 212 -15.89 35.05 -4.65
N GLU A 213 -15.16 34.18 -3.96
CA GLU A 213 -14.01 33.47 -4.55
C GLU A 213 -14.33 32.71 -5.83
N MET A 214 -13.31 32.62 -6.68
CA MET A 214 -13.43 31.89 -7.93
C MET A 214 -12.10 31.19 -8.24
N TYR A 215 -12.18 30.10 -8.98
CA TYR A 215 -10.96 29.36 -9.27
C TYR A 215 -10.38 29.49 -10.66
N TRP A 216 -9.15 30.01 -10.67
CA TRP A 216 -8.39 30.16 -11.90
C TRP A 216 -7.81 28.77 -12.11
N VAL A 217 -8.29 28.12 -13.17
CA VAL A 217 -7.81 26.80 -13.49
C VAL A 217 -7.23 26.89 -14.90
N SER A 218 -6.13 26.17 -15.11
CA SER A 218 -5.41 26.13 -16.40
C SER A 218 -6.26 25.70 -17.60
N ARG A 219 -7.16 24.76 -17.38
CA ARG A 219 -8.00 24.29 -18.47
C ARG A 219 -9.37 24.95 -18.47
N ALA A 220 -9.39 26.27 -18.68
CA ALA A 220 -10.63 27.04 -18.75
C ALA A 220 -10.32 28.35 -19.45
N SER A 221 -11.35 29.06 -19.88
CA SER A 221 -11.15 30.33 -20.57
C SER A 221 -12.33 31.25 -20.36
N GLY A 222 -12.35 32.34 -21.11
CA GLY A 222 -13.45 33.27 -20.99
C GLY A 222 -13.07 34.64 -20.46
N ASN A 223 -13.65 35.65 -21.08
CA ASN A 223 -13.45 37.05 -20.73
C ASN A 223 -13.63 37.19 -19.22
N VAL A 224 -12.52 37.40 -18.52
CA VAL A 224 -12.50 37.52 -17.07
C VAL A 224 -13.63 38.34 -16.47
N VAL A 225 -13.67 39.64 -16.80
CA VAL A 225 -14.73 40.52 -16.31
C VAL A 225 -16.07 39.79 -16.37
N HIS A 226 -16.41 39.38 -17.58
CA HIS A 226 -17.66 38.66 -17.78
C HIS A 226 -17.79 37.54 -16.75
N SER A 227 -16.76 36.71 -16.64
CA SER A 227 -16.76 35.59 -15.70
C SER A 227 -17.12 36.01 -14.28
N VAL A 228 -16.48 37.06 -13.78
CA VAL A 228 -16.74 37.51 -12.42
C VAL A 228 -18.08 38.24 -12.24
N ASN A 229 -18.56 38.94 -13.26
CA ASN A 229 -19.83 39.61 -13.11
C ASN A 229 -21.01 38.63 -13.11
N MET A 230 -20.90 37.54 -13.85
CA MET A 230 -21.98 36.56 -13.86
C MET A 230 -22.19 36.04 -12.44
N THR A 231 -21.10 35.69 -11.78
CA THR A 231 -21.14 35.17 -10.42
C THR A 231 -21.78 36.16 -9.48
N SER A 232 -21.29 37.39 -9.51
CA SER A 232 -21.84 38.44 -8.66
C SER A 232 -23.37 38.43 -8.79
N GLN A 233 -23.87 38.30 -10.02
CA GLN A 233 -25.31 38.28 -10.29
C GLN A 233 -25.92 37.15 -9.48
N VAL A 234 -25.28 35.99 -9.57
CA VAL A 234 -25.77 34.84 -8.84
C VAL A 234 -25.81 35.14 -7.36
N LEU A 235 -24.68 35.56 -6.78
CA LEU A 235 -24.66 35.85 -5.35
C LEU A 235 -25.66 36.94 -4.97
N LEU A 236 -25.88 37.90 -5.87
CA LEU A 236 -26.85 38.93 -5.56
C LEU A 236 -28.26 38.36 -5.64
N GLY A 237 -28.50 37.48 -6.60
CA GLY A 237 -29.81 36.90 -6.73
C GLY A 237 -30.21 35.96 -5.61
N ARG A 238 -29.28 35.21 -5.05
CA ARG A 238 -29.60 34.28 -3.98
C ARG A 238 -30.00 34.99 -2.68
N MET A 239 -29.89 36.32 -2.68
CA MET A 239 -30.26 37.07 -1.49
C MET A 239 -31.73 37.44 -1.47
N GLU A 240 -32.32 37.56 -2.66
N GLU A 240 -32.32 37.56 -2.66
CA GLU A 240 -33.73 37.93 -2.77
CA GLU A 240 -33.72 37.93 -2.76
C GLU A 240 -34.66 36.80 -3.22
C GLU A 240 -34.66 36.81 -3.22
N LYS A 241 -34.25 35.56 -2.99
CA LYS A 241 -35.05 34.39 -3.37
C LYS A 241 -36.22 34.30 -2.41
N ARG A 242 -37.43 34.57 -2.88
CA ARG A 242 -38.60 34.53 -2.00
C ARG A 242 -38.76 33.17 -1.31
N THR A 243 -38.52 32.09 -2.04
CA THR A 243 -38.61 30.75 -1.46
C THR A 243 -37.21 30.22 -1.15
N TRP A 244 -36.97 29.89 0.13
CA TRP A 244 -35.66 29.42 0.58
C TRP A 244 -35.47 27.94 0.87
N LYS A 245 -34.61 27.31 0.08
CA LYS A 245 -34.28 25.90 0.24
C LYS A 245 -32.89 25.91 0.88
N GLY A 246 -32.59 24.97 1.75
CA GLY A 246 -31.29 24.98 2.39
C GLY A 246 -30.21 24.59 1.39
N PRO A 247 -29.17 23.88 1.84
CA PRO A 247 -28.11 23.49 0.90
C PRO A 247 -28.48 22.10 0.41
N GLN A 248 -27.98 21.74 -0.77
CA GLN A 248 -28.26 20.42 -1.32
C GLN A 248 -27.11 19.49 -0.96
N TYR A 249 -27.39 18.43 -0.21
CA TYR A 249 -26.34 17.52 0.23
C TYR A 249 -26.02 16.33 -0.69
N GLU A 250 -24.83 16.38 -1.29
CA GLU A 250 -24.34 15.34 -2.18
C GLU A 250 -23.44 14.44 -1.34
N GLU A 251 -23.20 13.20 -1.77
CA GLU A 251 -22.37 12.30 -0.99
C GLU A 251 -20.91 12.73 -0.98
N ASP A 252 -20.27 12.61 0.18
CA ASP A 252 -18.86 12.98 0.32
C ASP A 252 -18.01 11.89 -0.33
N VAL A 253 -16.89 12.29 -0.91
CA VAL A 253 -16.02 11.35 -1.59
C VAL A 253 -15.33 10.35 -0.66
N ASN A 254 -14.97 9.21 -1.21
CA ASN A 254 -14.28 8.15 -0.48
C ASN A 254 -13.02 7.79 -1.25
N LEU A 255 -11.86 8.19 -0.74
CA LEU A 255 -10.61 7.93 -1.46
C LEU A 255 -10.13 6.48 -1.53
N GLY A 256 -10.59 5.65 -0.59
CA GLY A 256 -10.16 4.26 -0.59
C GLY A 256 -9.03 4.13 0.40
N SER A 257 -8.18 3.13 0.25
CA SER A 257 -7.06 2.97 1.16
C SER A 257 -5.96 2.15 0.53
N GLY A 258 -4.86 1.99 1.26
CA GLY A 258 -3.74 1.24 0.76
C GLY A 258 -2.73 2.20 0.19
N THR A 259 -1.67 1.66 -0.40
CA THR A 259 -0.61 2.49 -0.98
C THR A 259 -0.52 2.22 -2.48
N ARG A 260 0.18 3.08 -3.21
CA ARG A 260 0.34 2.90 -4.63
C ARG A 260 1.78 2.57 -5.00
N ALA A 261 1.95 1.32 -5.42
CA ALA A 261 3.18 0.69 -5.84
C ALA A 261 4.44 1.48 -6.14
N VAL A 262 5.56 0.83 -5.84
CA VAL A 262 6.94 1.32 -6.02
C VAL A 262 7.37 2.47 -5.10
N ARG B 1 19.76 -51.88 7.15
CA ARG B 1 19.44 -50.57 7.77
C ARG B 1 20.27 -49.44 7.15
N THR B 2 19.61 -48.37 6.76
CA THR B 2 20.29 -47.21 6.19
C THR B 2 20.68 -46.38 7.40
N LEU B 3 21.64 -45.47 7.26
CA LEU B 3 22.02 -44.64 8.40
C LEU B 3 20.81 -43.83 8.84
N GLY B 4 19.95 -43.49 7.88
CA GLY B 4 18.75 -42.76 8.21
C GLY B 4 17.93 -43.55 9.21
N GLU B 5 17.82 -44.86 8.97
CA GLU B 5 17.04 -45.73 9.86
C GLU B 5 17.62 -45.85 11.28
N VAL B 6 18.95 -45.90 11.43
CA VAL B 6 19.49 -45.99 12.80
C VAL B 6 19.13 -44.69 13.51
N TRP B 7 19.14 -43.59 12.76
CA TRP B 7 18.79 -42.30 13.31
C TRP B 7 17.39 -42.37 13.94
N LYS B 8 16.44 -42.88 13.18
CA LYS B 8 15.07 -43.01 13.66
C LYS B 8 15.00 -43.79 14.97
N GLU B 9 15.65 -44.95 15.02
CA GLU B 9 15.62 -45.76 16.23
C GLU B 9 16.13 -44.95 17.42
N ARG B 10 17.26 -44.27 17.23
CA ARG B 10 17.84 -43.47 18.30
C ARG B 10 16.94 -42.36 18.75
N LEU B 11 16.36 -41.64 17.79
CA LEU B 11 15.46 -40.56 18.11
C LEU B 11 14.32 -41.06 19.01
N ASN B 12 13.58 -42.05 18.53
CA ASN B 12 12.43 -42.62 19.26
C ASN B 12 12.68 -43.21 20.65
N GLN B 13 13.95 -43.46 20.98
CA GLN B 13 14.32 -44.02 22.27
C GLN B 13 14.72 -42.92 23.27
N MET B 14 14.81 -41.69 22.80
CA MET B 14 15.18 -40.60 23.68
C MET B 14 14.05 -40.27 24.64
N THR B 15 14.33 -39.39 25.59
CA THR B 15 13.36 -38.93 26.58
C THR B 15 12.88 -37.58 26.09
N LYS B 16 11.86 -37.03 26.74
CA LYS B 16 11.32 -35.73 26.37
C LYS B 16 12.37 -34.65 26.55
N GLU B 17 13.01 -34.61 27.70
CA GLU B 17 14.01 -33.58 27.94
C GLU B 17 15.22 -33.74 27.02
N GLU B 18 15.51 -34.98 26.64
CA GLU B 18 16.65 -35.25 25.76
C GLU B 18 16.27 -34.98 24.31
N PHE B 19 15.00 -35.22 23.99
CA PHE B 19 14.48 -35.01 22.66
C PHE B 19 14.40 -33.52 22.25
N THR B 20 13.87 -32.67 23.15
CA THR B 20 13.71 -31.24 22.82
C THR B 20 15.05 -30.50 22.79
N ARG B 21 16.03 -31.07 23.47
CA ARG B 21 17.36 -30.49 23.50
C ARG B 21 17.95 -30.77 22.13
N TYR B 22 17.97 -32.06 21.81
CA TYR B 22 18.52 -32.53 20.55
C TYR B 22 18.04 -31.76 19.32
N ARG B 23 16.73 -31.84 19.05
CA ARG B 23 16.18 -31.20 17.87
C ARG B 23 16.71 -29.81 17.56
N LYS B 24 16.94 -28.99 18.58
CA LYS B 24 17.46 -27.64 18.34
C LYS B 24 18.98 -27.46 18.47
N GLU B 25 19.70 -28.55 18.66
CA GLU B 25 21.17 -28.52 18.82
C GLU B 25 21.97 -28.22 17.56
N ALA B 26 22.70 -27.12 17.61
CA ALA B 26 23.56 -26.68 16.51
C ALA B 26 22.90 -26.30 15.19
N ILE B 27 21.58 -26.10 15.19
CA ILE B 27 20.93 -25.69 13.93
C ILE B 27 20.91 -24.17 13.96
N ILE B 28 20.39 -23.55 12.91
CA ILE B 28 20.32 -22.10 12.90
C ILE B 28 18.85 -21.75 13.14
N GLU B 29 18.61 -20.73 13.96
CA GLU B 29 17.26 -20.32 14.29
C GLU B 29 17.04 -18.82 14.27
N VAL B 30 15.97 -18.37 13.61
CA VAL B 30 15.66 -16.95 13.56
C VAL B 30 14.94 -16.54 14.85
N ASP B 31 14.84 -15.24 15.07
CA ASP B 31 14.20 -14.73 16.27
C ASP B 31 12.80 -14.19 15.98
N ARG B 32 11.79 -15.03 16.21
CA ARG B 32 10.40 -14.67 15.97
C ARG B 32 9.80 -13.63 16.92
N SER B 33 10.40 -13.49 18.09
CA SER B 33 9.90 -12.54 19.10
C SER B 33 9.18 -11.32 18.56
N ALA B 34 9.84 -10.56 17.72
CA ALA B 34 9.26 -9.34 17.14
C ALA B 34 7.94 -9.62 16.44
N ALA B 35 7.96 -10.56 15.50
CA ALA B 35 6.79 -10.95 14.74
C ALA B 35 5.62 -11.28 15.66
N LYS B 36 5.88 -12.12 16.65
CA LYS B 36 4.85 -12.55 17.60
C LYS B 36 4.12 -11.38 18.28
N HIS B 37 4.88 -10.37 18.67
CA HIS B 37 4.30 -9.20 19.34
C HIS B 37 3.75 -8.19 18.36
N ALA B 38 4.03 -8.38 17.08
CA ALA B 38 3.51 -7.49 16.06
C ALA B 38 2.10 -7.96 15.77
N ARG B 39 1.88 -9.25 15.99
CA ARG B 39 0.57 -9.85 15.76
C ARG B 39 -0.47 -9.27 16.70
N LYS B 40 -0.13 -9.14 17.98
CA LYS B 40 -1.09 -8.60 18.94
C LYS B 40 -1.45 -7.15 18.60
N GLU B 41 -0.43 -6.32 18.38
CA GLU B 41 -0.64 -4.92 18.02
C GLU B 41 -1.38 -4.77 16.70
N GLY B 42 -1.83 -5.88 16.13
CA GLY B 42 -2.51 -5.81 14.85
C GLY B 42 -1.62 -5.17 13.81
N ASN B 43 -0.30 -5.25 14.03
CA ASN B 43 0.68 -4.66 13.12
C ASN B 43 0.90 -5.52 11.89
N VAL B 44 0.13 -5.26 10.84
CA VAL B 44 0.20 -5.99 9.58
C VAL B 44 1.09 -5.28 8.55
N THR B 45 1.79 -4.24 9.00
CA THR B 45 2.66 -3.45 8.12
C THR B 45 4.11 -3.42 8.59
N GLY B 46 4.46 -4.29 9.52
CA GLY B 46 5.81 -4.29 10.03
C GLY B 46 6.85 -4.90 9.09
N GLY B 47 6.40 -5.67 8.11
CA GLY B 47 7.33 -6.29 7.20
C GLY B 47 7.75 -7.62 7.81
N HIS B 48 7.10 -7.95 8.92
CA HIS B 48 7.37 -9.19 9.65
C HIS B 48 6.75 -10.40 8.96
N PRO B 49 7.56 -11.45 8.69
CA PRO B 49 7.07 -12.67 8.03
C PRO B 49 6.06 -13.42 8.89
N VAL B 50 5.15 -14.15 8.25
CA VAL B 50 4.11 -14.87 8.99
C VAL B 50 4.49 -16.20 9.66
N SER B 51 5.73 -16.63 9.49
CA SER B 51 6.19 -17.89 10.09
C SER B 51 7.69 -18.08 9.90
N ARG B 52 8.24 -19.13 10.48
CA ARG B 52 9.66 -19.41 10.33
C ARG B 52 9.84 -19.86 8.88
N GLY B 53 8.71 -20.09 8.22
CA GLY B 53 8.72 -20.53 6.84
C GLY B 53 9.60 -19.68 5.95
N THR B 54 9.14 -18.48 5.61
CA THR B 54 9.87 -17.57 4.73
C THR B 54 11.40 -17.61 4.91
N ALA B 55 11.84 -17.47 6.16
CA ALA B 55 13.26 -17.49 6.46
C ALA B 55 13.93 -18.71 5.83
N LYS B 56 13.36 -19.89 6.04
CA LYS B 56 13.93 -21.09 5.47
C LYS B 56 14.07 -20.94 3.97
N LEU B 57 12.97 -20.62 3.29
CA LEU B 57 13.00 -20.48 1.84
C LEU B 57 13.97 -19.41 1.38
N ARG B 58 14.24 -18.42 2.23
CA ARG B 58 15.19 -17.38 1.87
C ARG B 58 16.54 -18.05 1.73
N TRP B 59 16.95 -18.73 2.80
CA TRP B 59 18.22 -19.44 2.84
C TRP B 59 18.49 -20.18 1.52
N LEU B 60 17.43 -20.65 0.86
CA LEU B 60 17.53 -21.38 -0.39
C LEU B 60 17.72 -20.51 -1.63
N VAL B 61 16.86 -19.53 -1.84
CA VAL B 61 17.00 -18.70 -3.04
C VAL B 61 18.28 -17.88 -3.01
N GLU B 62 18.69 -17.48 -1.81
CA GLU B 62 19.90 -16.66 -1.66
C GLU B 62 21.20 -17.39 -2.00
N ARG B 63 21.18 -18.71 -2.00
CA ARG B 63 22.38 -19.44 -2.34
C ARG B 63 22.26 -19.89 -3.78
N ARG B 64 21.14 -19.53 -4.39
CA ARG B 64 20.88 -19.82 -5.79
C ARG B 64 20.35 -21.19 -6.17
N PHE B 65 19.80 -21.94 -5.22
CA PHE B 65 19.28 -23.28 -5.54
C PHE B 65 18.04 -23.22 -6.44
N LEU B 66 17.46 -22.03 -6.57
CA LEU B 66 16.30 -21.79 -7.42
C LEU B 66 16.23 -20.31 -7.70
N GLU B 67 15.52 -19.94 -8.77
CA GLU B 67 15.32 -18.55 -9.15
C GLU B 67 13.88 -18.29 -9.55
N PRO B 68 13.04 -17.91 -8.57
CA PRO B 68 11.61 -17.61 -8.72
C PRO B 68 11.24 -16.69 -9.88
N VAL B 69 10.48 -17.23 -10.83
CA VAL B 69 10.10 -16.45 -11.99
C VAL B 69 8.62 -16.63 -12.33
N GLY B 70 8.01 -15.56 -12.86
CA GLY B 70 6.61 -15.58 -13.27
C GLY B 70 5.54 -15.96 -12.26
N LYS B 71 4.61 -16.80 -12.71
CA LYS B 71 3.53 -17.28 -11.87
C LYS B 71 4.08 -18.31 -10.91
N VAL B 72 3.83 -18.12 -9.62
CA VAL B 72 4.32 -19.02 -8.59
C VAL B 72 3.20 -19.72 -7.85
N ILE B 73 3.25 -21.05 -7.80
CA ILE B 73 2.25 -21.85 -7.10
C ILE B 73 2.92 -22.55 -5.92
N ASP B 74 2.22 -22.57 -4.80
CA ASP B 74 2.73 -23.19 -3.59
C ASP B 74 1.71 -24.20 -3.04
N LEU B 75 2.18 -25.39 -2.73
CA LEU B 75 1.33 -26.46 -2.20
C LEU B 75 1.53 -26.58 -0.70
N GLY B 76 0.42 -26.67 0.04
CA GLY B 76 0.54 -26.74 1.48
C GLY B 76 1.33 -25.51 1.88
N CYS B 77 0.63 -24.38 1.93
CA CYS B 77 1.24 -23.10 2.25
C CYS B 77 1.04 -22.63 3.69
N GLY B 78 0.11 -23.28 4.38
CA GLY B 78 -0.14 -22.89 5.76
C GLY B 78 -0.46 -21.42 5.93
N ARG B 79 0.34 -20.73 6.76
CA ARG B 79 0.14 -19.31 6.99
C ARG B 79 0.54 -18.43 5.83
N GLY B 80 1.67 -18.76 5.18
CA GLY B 80 2.08 -17.98 4.03
C GLY B 80 3.51 -17.52 3.90
N GLY B 81 4.42 -18.10 4.69
CA GLY B 81 5.81 -17.69 4.61
C GLY B 81 6.40 -17.71 3.21
N TRP B 82 6.31 -18.85 2.54
CA TRP B 82 6.87 -18.99 1.20
C TRP B 82 6.20 -18.10 0.17
N CYS B 83 4.89 -17.88 0.31
CA CYS B 83 4.18 -17.03 -0.64
C CYS B 83 4.55 -15.56 -0.48
N TYR B 84 4.43 -15.03 0.74
CA TYR B 84 4.77 -13.64 1.00
C TYR B 84 6.22 -13.29 0.66
N TYR B 85 7.08 -14.32 0.64
CA TYR B 85 8.48 -14.12 0.33
C TYR B 85 8.74 -14.05 -1.16
N MET B 86 8.03 -14.85 -1.95
CA MET B 86 8.21 -14.82 -3.39
C MET B 86 7.65 -13.49 -3.93
N ALA B 87 6.56 -13.02 -3.33
CA ALA B 87 5.96 -11.77 -3.77
C ALA B 87 6.95 -10.58 -3.70
N THR B 88 8.07 -10.76 -3.02
CA THR B 88 9.05 -9.69 -2.90
C THR B 88 10.14 -9.85 -3.95
N GLN B 89 10.11 -10.97 -4.67
CA GLN B 89 11.12 -11.29 -5.67
C GLN B 89 10.91 -10.76 -7.09
N LYS B 90 11.98 -10.17 -7.61
CA LYS B 90 12.06 -9.57 -8.94
C LYS B 90 11.23 -10.16 -10.07
N ARG B 91 11.61 -11.38 -10.49
CA ARG B 91 10.98 -12.09 -11.62
C ARG B 91 9.61 -12.72 -11.37
N VAL B 92 9.10 -12.62 -10.15
CA VAL B 92 7.80 -13.19 -9.82
C VAL B 92 6.68 -12.14 -10.02
N GLN B 93 5.65 -12.48 -10.77
CA GLN B 93 4.55 -11.55 -11.01
C GLN B 93 3.17 -12.07 -10.60
N GLU B 94 3.18 -13.20 -9.88
CA GLU B 94 1.96 -13.81 -9.35
C GLU B 94 2.24 -14.99 -8.43
N VAL B 95 1.75 -14.90 -7.20
CA VAL B 95 1.92 -15.96 -6.21
C VAL B 95 0.54 -16.52 -5.89
N ARG B 96 0.41 -17.83 -5.85
CA ARG B 96 -0.87 -18.45 -5.56
C ARG B 96 -0.62 -19.67 -4.69
N GLY B 97 -1.22 -19.69 -3.51
CA GLY B 97 -1.02 -20.81 -2.60
C GLY B 97 -2.28 -21.55 -2.21
N TYR B 98 -2.14 -22.86 -2.01
CA TYR B 98 -3.26 -23.72 -1.62
C TYR B 98 -2.92 -24.43 -0.33
N THR B 99 -3.92 -24.67 0.53
CA THR B 99 -3.71 -25.34 1.81
C THR B 99 -4.98 -26.03 2.32
N LYS B 100 -4.78 -27.01 3.20
CA LYS B 100 -5.88 -27.79 3.77
C LYS B 100 -6.82 -26.97 4.65
N GLY B 101 -6.28 -26.08 5.47
CA GLY B 101 -7.12 -25.30 6.36
C GLY B 101 -7.88 -26.22 7.31
N GLY B 102 -8.84 -25.67 8.04
CA GLY B 102 -9.64 -26.47 8.95
C GLY B 102 -8.93 -26.86 10.24
N PRO B 103 -9.66 -27.45 11.20
CA PRO B 103 -9.14 -27.89 12.50
C PRO B 103 -7.77 -28.60 12.51
N GLY B 104 -6.84 -28.07 13.30
CA GLY B 104 -5.50 -28.63 13.39
C GLY B 104 -4.56 -28.11 12.32
N HIS B 105 -5.13 -27.67 11.21
CA HIS B 105 -4.37 -27.15 10.07
C HIS B 105 -4.43 -25.64 9.97
N GLU B 106 -3.25 -25.01 9.92
CA GLU B 106 -3.16 -23.56 9.81
C GLU B 106 -4.00 -23.04 8.66
N GLU B 107 -4.36 -21.77 8.77
CA GLU B 107 -5.15 -21.07 7.77
C GLU B 107 -4.30 -19.91 7.29
N PRO B 108 -4.49 -19.51 6.02
CA PRO B 108 -3.70 -18.40 5.53
C PRO B 108 -3.89 -17.15 6.39
N GLN B 109 -2.78 -16.47 6.66
CA GLN B 109 -2.75 -15.26 7.45
C GLN B 109 -2.68 -14.08 6.48
N LEU B 110 -3.61 -13.15 6.60
CA LEU B 110 -3.66 -11.99 5.71
C LEU B 110 -2.89 -10.78 6.20
N VAL B 111 -1.71 -10.57 5.63
CA VAL B 111 -0.86 -9.45 5.99
C VAL B 111 -0.57 -8.58 4.77
N GLN B 112 0.12 -7.46 4.99
CA GLN B 112 0.45 -6.59 3.89
C GLN B 112 1.93 -6.26 3.78
N SER B 113 2.75 -7.30 3.69
CA SER B 113 4.17 -7.10 3.54
C SER B 113 4.34 -6.70 2.05
N TYR B 114 5.57 -6.41 1.64
CA TYR B 114 5.83 -5.98 0.26
C TYR B 114 5.28 -6.88 -0.84
N GLY B 115 4.38 -6.35 -1.66
CA GLY B 115 3.80 -7.10 -2.75
C GLY B 115 2.74 -8.14 -2.39
N TRP B 116 2.05 -7.92 -1.28
CA TRP B 116 1.00 -8.82 -0.81
C TRP B 116 -0.13 -8.88 -1.81
N ASN B 117 -0.31 -7.77 -2.52
CA ASN B 117 -1.35 -7.61 -3.53
C ASN B 117 -1.21 -8.59 -4.68
N ILE B 118 -0.01 -9.15 -4.84
CA ILE B 118 0.25 -10.10 -5.92
C ILE B 118 -0.06 -11.53 -5.52
N VAL B 119 -0.34 -11.78 -4.25
CA VAL B 119 -0.61 -13.14 -3.83
C VAL B 119 -2.05 -13.44 -3.44
N THR B 120 -2.50 -14.63 -3.83
CA THR B 120 -3.84 -15.15 -3.59
C THR B 120 -3.71 -16.48 -2.87
N MET B 121 -4.33 -16.63 -1.70
CA MET B 121 -4.24 -17.89 -0.99
C MET B 121 -5.61 -18.53 -0.78
N LYS B 122 -5.74 -19.80 -1.13
CA LYS B 122 -6.99 -20.53 -0.97
C LYS B 122 -6.87 -21.62 0.09
N SER B 123 -7.82 -21.63 1.02
CA SER B 123 -7.81 -22.60 2.10
C SER B 123 -8.89 -23.67 1.95
N GLY B 124 -8.84 -24.66 2.84
CA GLY B 124 -9.81 -25.73 2.80
C GLY B 124 -9.66 -26.58 1.54
N VAL B 125 -8.51 -26.44 0.89
CA VAL B 125 -8.20 -27.19 -0.33
C VAL B 125 -7.20 -28.31 -0.06
N ASP B 126 -7.53 -29.53 -0.47
CA ASP B 126 -6.58 -30.62 -0.27
C ASP B 126 -5.88 -30.90 -1.58
N VAL B 127 -4.58 -30.63 -1.61
CA VAL B 127 -3.76 -30.82 -2.80
C VAL B 127 -3.69 -32.27 -3.32
N PHE B 128 -4.10 -33.24 -2.52
CA PHE B 128 -4.02 -34.61 -3.01
C PHE B 128 -5.21 -34.94 -3.89
N TYR B 129 -6.18 -34.04 -3.97
CA TYR B 129 -7.39 -34.29 -4.75
C TYR B 129 -7.59 -33.20 -5.79
N ARG B 130 -6.73 -32.19 -5.75
CA ARG B 130 -6.83 -31.06 -6.67
C ARG B 130 -5.97 -31.16 -7.94
N PRO B 131 -6.61 -31.09 -9.13
CA PRO B 131 -5.94 -31.16 -10.44
C PRO B 131 -4.97 -30.01 -10.72
N SER B 132 -3.83 -30.39 -11.28
CA SER B 132 -2.74 -29.48 -11.63
C SER B 132 -3.04 -28.33 -12.56
N GLU B 133 -2.28 -27.26 -12.38
CA GLU B 133 -2.40 -26.05 -13.18
C GLU B 133 -1.02 -25.69 -13.70
N CYS B 134 -0.90 -24.55 -14.36
CA CYS B 134 0.39 -24.12 -14.90
C CYS B 134 1.03 -23.07 -14.01
N CYS B 135 2.36 -23.09 -13.95
CA CYS B 135 3.12 -22.14 -13.15
C CYS B 135 4.53 -22.12 -13.71
N ASP B 136 5.31 -21.10 -13.34
CA ASP B 136 6.67 -21.03 -13.82
C ASP B 136 7.62 -21.56 -12.76
N THR B 137 7.12 -21.60 -11.52
CA THR B 137 7.89 -22.10 -10.42
C THR B 137 6.96 -22.74 -9.39
N LEU B 138 7.18 -24.02 -9.14
CA LEU B 138 6.35 -24.75 -8.21
C LEU B 138 7.05 -24.91 -6.89
N LEU B 139 6.23 -25.06 -5.85
CA LEU B 139 6.70 -25.21 -4.49
C LEU B 139 5.73 -26.10 -3.74
N CYS B 140 6.25 -26.84 -2.78
CA CYS B 140 5.43 -27.71 -1.97
C CYS B 140 6.23 -27.78 -0.69
N ASP B 141 5.54 -27.94 0.45
CA ASP B 141 6.23 -28.06 1.73
C ASP B 141 5.45 -28.99 2.66
N ILE B 142 4.71 -29.93 2.07
CA ILE B 142 3.91 -30.90 2.80
C ILE B 142 4.74 -32.09 3.25
N GLY B 143 4.43 -32.61 4.43
CA GLY B 143 5.13 -33.76 4.97
C GLY B 143 4.68 -34.00 6.41
N GLU B 144 3.65 -34.83 6.59
CA GLU B 144 3.11 -35.12 7.91
C GLU B 144 3.90 -36.22 8.67
N SER B 145 4.78 -35.78 9.55
CA SER B 145 5.63 -36.66 10.37
C SER B 145 4.97 -37.82 11.12
N SER B 146 5.72 -38.92 11.28
CA SER B 146 5.26 -40.11 11.97
C SER B 146 6.38 -40.80 12.74
N SER B 147 6.05 -41.47 13.82
CA SER B 147 7.05 -42.17 14.62
C SER B 147 7.56 -43.34 13.78
N SER B 148 6.73 -43.79 12.84
CA SER B 148 7.07 -44.90 11.96
C SER B 148 7.77 -44.40 10.70
N ALA B 149 8.85 -45.07 10.33
CA ALA B 149 9.62 -44.69 9.16
C ALA B 149 9.02 -45.32 7.90
N GLU B 150 8.25 -46.40 8.07
CA GLU B 150 7.63 -47.03 6.92
C GLU B 150 6.42 -46.18 6.54
N VAL B 151 5.85 -45.50 7.53
CA VAL B 151 4.71 -44.61 7.33
C VAL B 151 5.16 -43.35 6.60
N GLU B 152 6.33 -42.86 6.95
CA GLU B 152 6.85 -41.67 6.29
C GLU B 152 7.19 -42.04 4.86
N GLU B 153 7.91 -43.14 4.67
CA GLU B 153 8.27 -43.58 3.34
C GLU B 153 7.03 -43.59 2.44
N HIS B 154 5.88 -43.92 3.02
CA HIS B 154 4.64 -43.96 2.27
C HIS B 154 4.16 -42.54 1.99
N ARG B 155 3.90 -41.80 3.07
CA ARG B 155 3.41 -40.44 2.95
C ARG B 155 4.21 -39.63 1.96
N THR B 156 5.50 -39.90 1.88
CA THR B 156 6.40 -39.19 0.96
C THR B 156 6.18 -39.63 -0.48
N ILE B 157 6.32 -40.92 -0.73
CA ILE B 157 6.12 -41.41 -2.09
C ILE B 157 4.82 -40.83 -2.60
N ARG B 158 3.83 -40.70 -1.72
CA ARG B 158 2.54 -40.15 -2.12
C ARG B 158 2.70 -38.73 -2.60
N VAL B 159 3.40 -37.91 -1.82
CA VAL B 159 3.62 -36.52 -2.19
C VAL B 159 4.38 -36.46 -3.50
N LEU B 160 5.43 -37.26 -3.61
CA LEU B 160 6.23 -37.31 -4.82
C LEU B 160 5.39 -37.63 -6.06
N GLU B 161 4.49 -38.58 -5.94
CA GLU B 161 3.63 -38.91 -7.07
C GLU B 161 2.72 -37.72 -7.33
N MET B 162 2.41 -37.00 -6.26
CA MET B 162 1.52 -35.84 -6.31
C MET B 162 2.19 -34.65 -6.94
N VAL B 163 3.53 -34.61 -6.90
CA VAL B 163 4.24 -33.48 -7.50
C VAL B 163 4.65 -33.69 -8.96
N GLU B 164 5.06 -34.90 -9.33
CA GLU B 164 5.45 -35.14 -10.71
C GLU B 164 4.30 -34.92 -11.68
N ASP B 165 3.09 -34.78 -11.14
CA ASP B 165 1.91 -34.55 -11.94
C ASP B 165 1.88 -33.09 -12.34
N TRP B 166 2.25 -32.25 -11.38
CA TRP B 166 2.30 -30.81 -11.57
C TRP B 166 3.52 -30.40 -12.39
N LEU B 167 4.53 -31.26 -12.39
CA LEU B 167 5.76 -30.98 -13.10
C LEU B 167 5.68 -30.99 -14.62
N HIS B 168 5.11 -29.93 -15.16
N HIS B 168 5.09 -29.94 -15.17
CA HIS B 168 5.00 -29.75 -16.60
CA HIS B 168 5.01 -29.76 -16.62
C HIS B 168 5.15 -28.26 -16.90
C HIS B 168 5.17 -28.26 -16.92
N ARG B 169 6.29 -27.73 -16.41
CA ARG B 169 6.68 -26.33 -16.55
C ARG B 169 7.49 -26.16 -17.84
N GLY B 170 8.72 -26.66 -17.79
CA GLY B 170 9.68 -26.59 -18.89
C GLY B 170 11.03 -26.57 -18.18
N PRO B 171 12.05 -25.84 -18.67
CA PRO B 171 13.30 -25.89 -17.89
C PRO B 171 13.13 -24.92 -16.70
N ARG B 172 12.04 -25.14 -15.96
CA ARG B 172 11.65 -24.32 -14.82
C ARG B 172 12.29 -24.49 -13.46
N GLU B 173 11.69 -23.79 -12.50
CA GLU B 173 12.13 -23.74 -11.12
C GLU B 173 11.16 -24.43 -10.16
N PHE B 174 11.71 -25.08 -9.14
CA PHE B 174 10.90 -25.74 -8.13
C PHE B 174 11.70 -26.02 -6.87
N CYS B 175 10.97 -26.26 -5.79
CA CYS B 175 11.55 -26.57 -4.49
C CYS B 175 10.51 -27.37 -3.69
N VAL B 176 10.76 -28.66 -3.50
CA VAL B 176 9.82 -29.47 -2.77
C VAL B 176 10.45 -30.18 -1.59
N LYS B 177 9.70 -30.26 -0.50
CA LYS B 177 10.20 -30.90 0.71
C LYS B 177 10.02 -32.42 0.73
N VAL B 178 11.13 -33.16 0.82
CA VAL B 178 11.05 -34.63 0.89
C VAL B 178 11.12 -35.04 2.37
N LEU B 179 9.99 -35.45 2.91
CA LEU B 179 9.90 -35.83 4.31
C LEU B 179 10.92 -36.90 4.69
N CYS B 180 10.71 -38.13 4.24
CA CYS B 180 11.63 -39.23 4.54
C CYS B 180 12.43 -39.56 3.28
N PRO B 181 13.63 -38.97 3.14
CA PRO B 181 14.47 -39.23 1.96
C PRO B 181 15.40 -40.44 2.05
N TYR B 182 15.37 -41.15 3.17
CA TYR B 182 16.26 -42.30 3.39
C TYR B 182 15.72 -43.71 3.26
N MET B 183 14.41 -43.88 3.11
CA MET B 183 13.82 -45.22 2.96
C MET B 183 13.79 -45.55 1.46
N PRO B 184 14.33 -46.74 1.08
CA PRO B 184 14.41 -47.26 -0.30
C PRO B 184 13.48 -46.66 -1.33
N LYS B 185 12.18 -46.87 -1.13
CA LYS B 185 11.15 -46.35 -2.02
C LYS B 185 11.39 -44.89 -2.44
N VAL B 186 11.70 -44.04 -1.47
CA VAL B 186 11.96 -42.63 -1.77
C VAL B 186 13.31 -42.45 -2.48
N ILE B 187 14.28 -43.31 -2.18
CA ILE B 187 15.58 -43.23 -2.84
C ILE B 187 15.39 -43.65 -4.31
N GLU B 188 14.69 -44.75 -4.52
CA GLU B 188 14.44 -45.22 -5.88
C GLU B 188 13.71 -44.17 -6.73
N LYS B 189 12.69 -43.53 -6.15
CA LYS B 189 11.88 -42.53 -6.89
C LYS B 189 12.66 -41.25 -7.17
N MET B 190 13.41 -40.78 -6.18
CA MET B 190 14.21 -39.58 -6.36
C MET B 190 15.21 -39.85 -7.48
N GLU B 191 15.91 -40.97 -7.41
CA GLU B 191 16.89 -41.33 -8.43
C GLU B 191 16.26 -41.14 -9.80
N LEU B 192 15.04 -41.68 -9.94
CA LEU B 192 14.32 -41.57 -11.18
C LEU B 192 13.80 -40.15 -11.37
N LEU B 193 13.08 -39.63 -10.40
CA LEU B 193 12.55 -38.28 -10.52
C LEU B 193 13.66 -37.30 -10.93
N GLN B 194 14.89 -37.60 -10.57
CA GLN B 194 16.00 -36.72 -10.93
C GLN B 194 16.45 -36.91 -12.37
N ARG B 195 16.27 -38.11 -12.91
CA ARG B 195 16.69 -38.36 -14.30
C ARG B 195 15.87 -37.53 -15.25
N ARG B 196 14.59 -37.38 -14.95
CA ARG B 196 13.71 -36.62 -15.81
C ARG B 196 13.62 -35.11 -15.53
N TYR B 197 13.79 -34.68 -14.28
CA TYR B 197 13.70 -33.25 -14.01
C TYR B 197 14.92 -32.60 -13.41
N GLY B 198 16.05 -33.31 -13.31
CA GLY B 198 17.24 -32.72 -12.75
C GLY B 198 17.06 -32.23 -11.31
N GLY B 199 17.83 -31.22 -10.91
CA GLY B 199 17.72 -30.71 -9.55
C GLY B 199 18.54 -31.54 -8.58
N GLY B 200 18.18 -31.53 -7.29
CA GLY B 200 18.91 -32.30 -6.31
C GLY B 200 18.35 -32.12 -4.90
N LEU B 201 18.86 -32.90 -3.94
CA LEU B 201 18.40 -32.81 -2.56
C LEU B 201 19.29 -31.94 -1.66
N VAL B 202 18.68 -31.11 -0.85
CA VAL B 202 19.43 -30.22 0.03
C VAL B 202 18.95 -30.09 1.48
N ARG B 203 19.82 -30.43 2.42
CA ARG B 203 19.52 -30.33 3.85
C ARG B 203 19.54 -28.86 4.31
N ASN B 204 18.37 -28.30 4.60
CA ASN B 204 18.29 -26.91 5.05
C ASN B 204 18.67 -26.85 6.53
N PRO B 205 19.77 -26.13 6.87
CA PRO B 205 20.25 -26.00 8.24
C PRO B 205 19.26 -25.27 9.15
N LEU B 206 18.16 -24.79 8.56
CA LEU B 206 17.11 -24.10 9.33
C LEU B 206 16.15 -25.16 9.87
N SER B 207 16.28 -26.40 9.39
CA SER B 207 15.43 -27.51 9.84
C SER B 207 15.86 -27.90 11.24
N ARG B 208 15.02 -28.66 11.93
CA ARG B 208 15.36 -29.13 13.29
C ARG B 208 15.90 -30.56 13.25
N ASN B 209 16.78 -30.91 14.20
CA ASN B 209 17.38 -32.24 14.21
C ASN B 209 16.38 -33.41 14.32
N SER B 210 15.15 -33.12 14.74
CA SER B 210 14.14 -34.17 14.90
C SER B 210 13.50 -34.60 13.57
N THR B 211 14.05 -34.12 12.46
CA THR B 211 13.52 -34.47 11.14
C THR B 211 14.63 -34.63 10.10
N HIS B 212 14.50 -35.65 9.24
CA HIS B 212 15.50 -35.95 8.23
C HIS B 212 15.19 -35.32 6.90
N GLU B 213 14.18 -34.46 6.87
CA GLU B 213 13.79 -33.82 5.63
C GLU B 213 14.92 -33.16 4.88
N MET B 214 14.77 -33.11 3.56
CA MET B 214 15.73 -32.47 2.69
C MET B 214 14.91 -31.90 1.54
N TYR B 215 15.43 -30.92 0.83
CA TYR B 215 14.67 -30.34 -0.25
C TYR B 215 15.20 -30.64 -1.62
N TRP B 216 14.27 -30.88 -2.54
CA TRP B 216 14.59 -31.15 -3.92
C TRP B 216 14.38 -29.86 -4.69
N VAL B 217 15.46 -29.13 -4.91
CA VAL B 217 15.36 -27.88 -5.64
C VAL B 217 15.86 -28.14 -7.05
N SER B 218 15.40 -27.31 -8.00
CA SER B 218 15.74 -27.42 -9.41
C SER B 218 17.19 -27.11 -9.79
N ARG B 219 17.84 -26.27 -9.00
CA ARG B 219 19.22 -25.90 -9.28
C ARG B 219 20.12 -26.46 -8.20
N ALA B 220 20.43 -27.75 -8.35
CA ALA B 220 21.28 -28.47 -7.43
C ALA B 220 21.48 -29.79 -8.12
N SER B 221 22.42 -30.57 -7.61
CA SER B 221 22.70 -31.87 -8.18
C SER B 221 23.56 -32.65 -7.20
N GLY B 222 23.99 -33.83 -7.61
CA GLY B 222 24.79 -34.65 -6.73
C GLY B 222 24.07 -35.96 -6.53
N ASN B 223 24.86 -37.03 -6.36
CA ASN B 223 24.37 -38.39 -6.17
C ASN B 223 23.43 -38.52 -4.97
N VAL B 224 22.14 -38.72 -5.26
CA VAL B 224 21.10 -38.86 -4.24
C VAL B 224 21.49 -39.66 -3.00
N VAL B 225 21.83 -40.93 -3.18
CA VAL B 225 22.22 -41.75 -2.03
C VAL B 225 23.27 -41.02 -1.21
N HIS B 226 24.28 -40.49 -1.89
CA HIS B 226 25.34 -39.79 -1.19
C HIS B 226 24.83 -38.56 -0.43
N SER B 227 23.95 -37.78 -1.06
CA SER B 227 23.42 -36.59 -0.42
C SER B 227 22.66 -36.86 0.88
N VAL B 228 21.77 -37.85 0.84
CA VAL B 228 20.99 -38.16 2.02
C VAL B 228 21.81 -38.96 3.03
N ASN B 229 22.89 -39.59 2.58
CA ASN B 229 23.71 -40.36 3.50
C ASN B 229 24.66 -39.50 4.32
N MET B 230 25.04 -38.34 3.80
CA MET B 230 25.94 -37.49 4.56
C MET B 230 25.17 -36.79 5.67
N THR B 231 23.92 -36.46 5.37
CA THR B 231 23.06 -35.78 6.32
C THR B 231 22.81 -36.74 7.47
N SER B 232 22.50 -37.97 7.15
CA SER B 232 22.25 -38.98 8.17
C SER B 232 23.45 -39.05 9.14
N GLN B 233 24.64 -38.75 8.62
CA GLN B 233 25.84 -38.77 9.46
C GLN B 233 25.86 -37.54 10.34
N VAL B 234 25.37 -36.44 9.80
CA VAL B 234 25.32 -35.21 10.57
C VAL B 234 24.34 -35.40 11.72
N LEU B 235 23.09 -35.75 11.39
CA LEU B 235 22.08 -35.95 12.41
C LEU B 235 22.48 -37.01 13.42
N LEU B 236 23.30 -37.97 13.00
CA LEU B 236 23.74 -39.00 13.93
C LEU B 236 24.87 -38.44 14.81
N GLY B 237 25.57 -37.45 14.29
CA GLY B 237 26.65 -36.85 15.05
C GLY B 237 26.19 -35.86 16.10
N ARG B 238 25.15 -35.11 15.80
CA ARG B 238 24.63 -34.14 16.76
C ARG B 238 24.04 -34.85 17.98
N MET B 239 23.95 -36.17 17.90
CA MET B 239 23.42 -36.95 19.01
C MET B 239 24.48 -37.26 20.06
N GLU B 240 25.74 -37.36 19.63
CA GLU B 240 26.81 -37.68 20.56
C GLU B 240 27.86 -36.59 20.74
N LYS B 241 27.42 -35.34 20.64
CA LYS B 241 28.30 -34.19 20.80
C LYS B 241 28.52 -33.91 22.28
N ARG B 242 29.68 -34.29 22.80
CA ARG B 242 29.99 -34.10 24.21
C ARG B 242 29.68 -32.70 24.75
N THR B 243 30.06 -31.66 24.00
CA THR B 243 29.81 -30.29 24.40
C THR B 243 28.55 -29.80 23.67
N TRP B 244 27.57 -29.26 24.40
CA TRP B 244 26.34 -28.82 23.76
C TRP B 244 26.05 -27.34 23.77
N LYS B 245 25.86 -26.79 22.57
CA LYS B 245 25.53 -25.38 22.37
C LYS B 245 24.13 -25.43 21.78
N GLY B 246 23.24 -24.55 22.23
CA GLY B 246 21.89 -24.58 21.70
C GLY B 246 21.83 -24.18 20.24
N PRO B 247 20.74 -23.52 19.82
CA PRO B 247 20.65 -23.10 18.41
C PRO B 247 21.35 -21.76 18.21
N GLN B 248 21.84 -21.53 16.99
CA GLN B 248 22.51 -20.27 16.66
C GLN B 248 21.46 -19.36 16.04
N TYR B 249 21.03 -18.36 16.78
CA TYR B 249 19.98 -17.45 16.34
C TYR B 249 20.42 -16.32 15.40
N GLU B 250 19.92 -16.34 14.16
CA GLU B 250 20.24 -15.29 13.21
C GLU B 250 18.98 -14.45 13.02
N GLU B 251 19.14 -13.20 12.62
CA GLU B 251 18.00 -12.32 12.46
C GLU B 251 16.93 -12.79 11.47
N ASP B 252 15.68 -12.54 11.82
CA ASP B 252 14.55 -12.91 11.00
C ASP B 252 14.37 -11.82 9.96
N VAL B 253 14.16 -12.24 8.72
CA VAL B 253 13.99 -11.37 7.56
C VAL B 253 12.76 -10.44 7.54
N ASN B 254 12.93 -9.24 6.97
CA ASN B 254 11.85 -8.27 6.85
C ASN B 254 11.56 -8.04 5.36
N LEU B 255 10.34 -8.32 4.94
CA LEU B 255 10.00 -8.16 3.53
C LEU B 255 9.70 -6.71 3.19
N GLY B 256 9.43 -5.90 4.19
CA GLY B 256 9.10 -4.51 3.95
C GLY B 256 7.60 -4.37 3.78
N SER B 257 7.17 -3.38 3.00
CA SER B 257 5.73 -3.22 2.79
C SER B 257 5.44 -2.40 1.54
N GLY B 258 4.16 -2.30 1.21
CA GLY B 258 3.74 -1.58 0.04
C GLY B 258 3.36 -2.58 -1.03
N THR B 259 2.87 -2.09 -2.16
CA THR B 259 2.46 -2.95 -3.26
C THR B 259 3.41 -2.75 -4.44
N ARG B 260 3.52 -3.75 -5.32
CA ARG B 260 4.38 -3.63 -6.48
C ARG B 260 3.58 -3.51 -7.76
N ALA B 261 3.70 -2.31 -8.33
CA ALA B 261 3.04 -1.81 -9.53
C ALA B 261 2.79 -2.68 -10.74
N VAL B 262 2.00 -2.10 -11.63
CA VAL B 262 1.60 -2.67 -12.92
C VAL B 262 2.16 -1.74 -14.01
#